data_3OMM
#
_entry.id   3OMM
#
_cell.length_a   72.130
_cell.length_b   83.940
_cell.length_c   190.480
_cell.angle_alpha   90.00
_cell.angle_beta   90.00
_cell.angle_gamma   90.00
#
_symmetry.space_group_name_H-M   'C 2 2 21'
#
loop_
_entity.id
_entity.type
_entity.pdbx_description
1 polymer 'Bile acid receptor'
2 polymer 'peptide of Nuclear receptor coactivator 1'
3 non-polymer '4-({(2S)-2-[2-(4-chlorophenyl)-5,6-difluoro-1H-benzimidazol-1-yl]-2-cyclohexylacetyl}amino)-3-fluorobenzoic acid'
4 water water
#
loop_
_entity_poly.entity_id
_entity_poly.type
_entity_poly.pdbx_seq_one_letter_code
_entity_poly.pdbx_strand_id
1 'polypeptide(L)'
;GSHMELTPDQQTLLHFIMDSYNKQRMPQEITNKILKEAFSAEENFLILTEMATNHVQVLVEFTKKLPGFQTLDHEDQIAL
LKGSAVEAMFLRSAEIFNKKLPSGHSDLLEARIRNSGISDEYITPMFSFYKSIGELKMTQEEYALLTAIVILSPDRQYIK
DREAVEKLQEPLLDVLQKLCKIHQPENPQHFACLLGRLTELRTFNHHHAEMLMSWRVNDHKFTPLLCEIWDVQ
;
A,C
2 'polypeptide(L)' KDHQLLRYLLDKDE B,D
#
loop_
_chem_comp.id
_chem_comp.type
_chem_comp.name
_chem_comp.formula
OMM non-polymer '4-({(2S)-2-[2-(4-chlorophenyl)-5,6-difluoro-1H-benzimidazol-1-yl]-2-cyclohexylacetyl}amino)-3-fluorobenzoic acid' 'C28 H23 Cl F3 N3 O3'
#
# COMPACT_ATOMS: atom_id res chain seq x y z
N MET A 4 27.73 -41.32 11.21
CA MET A 4 26.64 -40.56 10.59
C MET A 4 26.08 -39.50 11.54
N GLU A 5 25.95 -39.84 12.84
CA GLU A 5 25.47 -38.93 13.86
C GLU A 5 26.61 -37.96 14.17
N LEU A 6 26.29 -36.73 14.57
CA LEU A 6 27.31 -35.73 14.87
C LEU A 6 28.33 -36.27 15.85
N THR A 7 29.62 -36.16 15.49
CA THR A 7 30.73 -36.59 16.33
C THR A 7 30.81 -35.66 17.56
N PRO A 8 31.70 -35.89 18.56
CA PRO A 8 31.75 -34.95 19.70
C PRO A 8 32.35 -33.61 19.30
N ASP A 9 33.28 -33.64 18.34
CA ASP A 9 33.91 -32.47 17.79
C ASP A 9 32.87 -31.64 17.02
N GLN A 10 31.97 -32.32 16.29
CA GLN A 10 30.88 -31.69 15.55
C GLN A 10 29.81 -31.09 16.45
N GLN A 11 29.50 -31.75 17.58
CA GLN A 11 28.54 -31.24 18.54
C GLN A 11 29.06 -30.02 19.26
N THR A 12 30.38 -29.96 19.51
CA THR A 12 31.05 -28.83 20.16
C THR A 12 31.03 -27.65 19.16
N LEU A 13 31.38 -27.92 17.88
CA LEU A 13 31.38 -26.91 16.84
C LEU A 13 29.99 -26.28 16.70
N LEU A 14 28.96 -27.11 16.53
CA LEU A 14 27.58 -26.68 16.40
C LEU A 14 27.11 -25.80 17.56
N HIS A 15 27.28 -26.26 18.82
CA HIS A 15 26.88 -25.50 20.00
C HIS A 15 27.61 -24.19 20.10
N PHE A 16 28.89 -24.17 19.73
CA PHE A 16 29.68 -22.94 19.74
C PHE A 16 29.17 -21.92 18.68
N ILE A 17 28.82 -22.39 17.47
CA ILE A 17 28.28 -21.55 16.39
C ILE A 17 26.92 -21.01 16.85
N MET A 18 26.08 -21.87 17.49
CA MET A 18 24.79 -21.45 18.01
C MET A 18 24.83 -20.35 19.04
N ASP A 19 25.79 -20.43 19.97
CA ASP A 19 25.98 -19.43 21.02
C ASP A 19 26.33 -18.09 20.44
N SER A 20 27.31 -18.09 19.51
CA SER A 20 27.76 -16.89 18.81
C SER A 20 26.62 -16.30 17.98
N TYR A 21 25.88 -17.17 17.26
CA TYR A 21 24.76 -16.74 16.45
C TYR A 21 23.68 -16.11 17.30
N ASN A 22 23.50 -16.65 18.54
CA ASN A 22 22.49 -16.19 19.50
C ASN A 22 22.72 -14.78 20.07
N LYS A 23 23.92 -14.21 19.88
CA LYS A 23 24.23 -12.85 20.36
C LYS A 23 23.60 -11.76 19.45
N GLN A 24 22.60 -12.14 18.64
CA GLN A 24 21.97 -11.26 17.68
C GLN A 24 20.69 -10.66 18.17
N ARG A 25 20.35 -9.48 17.60
CA ARG A 25 19.10 -8.79 17.91
C ARG A 25 17.96 -9.74 17.75
N MET A 26 17.10 -9.77 18.78
CA MET A 26 15.92 -10.62 18.82
C MET A 26 14.99 -10.28 17.65
N PRO A 27 14.63 -11.30 16.83
CA PRO A 27 13.73 -11.05 15.68
C PRO A 27 12.50 -10.22 16.01
N GLN A 28 11.78 -10.60 17.10
CA GLN A 28 10.58 -9.93 17.62
C GLN A 28 10.77 -8.41 17.78
N GLU A 29 11.97 -7.95 18.19
CA GLU A 29 12.30 -6.53 18.32
C GLU A 29 12.08 -5.83 16.95
N ILE A 30 12.60 -6.45 15.87
CA ILE A 30 12.51 -5.98 14.47
C ILE A 30 11.05 -5.98 13.98
N THR A 31 10.37 -7.14 14.03
CA THR A 31 9.00 -7.30 13.54
C THR A 31 7.93 -6.62 14.36
N ASN A 32 8.08 -6.56 15.72
CA ASN A 32 7.12 -5.86 16.58
C ASN A 32 7.03 -4.41 16.16
N LYS A 33 8.18 -3.78 15.87
CA LYS A 33 8.29 -2.38 15.42
C LYS A 33 7.67 -2.12 14.05
N ILE A 34 7.98 -2.97 13.05
CA ILE A 34 7.47 -2.83 11.67
C ILE A 34 5.95 -3.00 11.66
N LEU A 35 5.43 -3.95 12.45
CA LEU A 35 4.00 -4.24 12.54
C LEU A 35 3.22 -3.18 13.33
N LYS A 36 3.81 -2.70 14.47
CA LYS A 36 3.24 -1.69 15.37
C LYS A 36 2.49 -0.58 14.65
N GLU A 37 3.16 0.06 13.69
CA GLU A 37 2.57 1.15 12.91
C GLU A 37 3.28 1.34 11.57
N ALA A 38 2.62 2.06 10.64
CA ALA A 38 3.20 2.38 9.35
C ALA A 38 4.08 3.62 9.47
N PHE A 39 5.28 3.53 8.93
CA PHE A 39 6.21 4.65 8.93
C PHE A 39 6.31 5.14 7.51
N SER A 40 6.78 6.36 7.34
CA SER A 40 7.00 6.93 6.02
C SER A 40 8.25 6.26 5.41
N ALA A 41 8.47 6.41 4.10
CA ALA A 41 9.66 5.89 3.43
C ALA A 41 10.94 6.45 4.08
N GLU A 42 10.86 7.69 4.63
CA GLU A 42 11.96 8.36 5.32
C GLU A 42 12.32 7.72 6.66
N GLU A 43 11.28 7.41 7.46
CA GLU A 43 11.48 6.78 8.77
C GLU A 43 12.00 5.35 8.58
N ASN A 44 11.51 4.66 7.54
CA ASN A 44 11.92 3.31 7.16
C ASN A 44 13.35 3.29 6.66
N PHE A 45 13.75 4.30 5.86
CA PHE A 45 15.13 4.38 5.39
C PHE A 45 16.08 4.48 6.59
N LEU A 46 15.70 5.25 7.61
CA LEU A 46 16.47 5.45 8.84
C LEU A 46 16.53 4.18 9.68
N ILE A 47 15.41 3.46 9.77
CA ILE A 47 15.36 2.19 10.50
C ILE A 47 16.32 1.24 9.75
N LEU A 48 16.25 1.19 8.43
CA LEU A 48 17.12 0.31 7.62
C LEU A 48 18.62 0.57 7.89
N THR A 49 19.05 1.82 7.86
CA THR A 49 20.46 2.17 8.10
C THR A 49 20.96 1.84 9.50
N GLU A 50 20.11 1.97 10.54
CA GLU A 50 20.51 1.64 11.91
C GLU A 50 20.56 0.12 12.10
N MET A 51 19.57 -0.58 11.57
CA MET A 51 19.56 -2.05 11.63
C MET A 51 20.76 -2.60 10.89
N ALA A 52 21.01 -2.07 9.67
CA ALA A 52 22.12 -2.53 8.82
C ALA A 52 23.48 -2.24 9.43
N THR A 53 23.65 -1.09 10.14
CA THR A 53 24.91 -0.73 10.85
C THR A 53 25.10 -1.68 12.02
N ASN A 54 24.04 -1.94 12.81
CA ASN A 54 24.15 -2.89 13.93
C ASN A 54 24.42 -4.30 13.42
N HIS A 55 23.78 -4.71 12.28
CA HIS A 55 24.00 -6.04 11.73
C HIS A 55 25.48 -6.29 11.38
N VAL A 56 26.15 -5.30 10.75
CA VAL A 56 27.57 -5.45 10.37
C VAL A 56 28.44 -5.66 11.62
N GLN A 57 28.18 -4.83 12.67
CA GLN A 57 28.95 -4.82 13.93
C GLN A 57 28.87 -6.18 14.58
N VAL A 58 27.68 -6.76 14.65
CA VAL A 58 27.42 -8.11 15.21
C VAL A 58 28.09 -9.20 14.31
N LEU A 59 27.96 -9.06 12.98
CA LEU A 59 28.56 -9.98 12.02
C LEU A 59 30.07 -10.04 12.20
N VAL A 60 30.75 -8.86 12.34
CA VAL A 60 32.22 -8.82 12.58
C VAL A 60 32.55 -9.64 13.84
N GLU A 61 31.80 -9.46 14.94
CA GLU A 61 32.00 -10.22 16.18
C GLU A 61 31.74 -11.69 15.97
N PHE A 62 30.65 -12.07 15.25
CA PHE A 62 30.34 -13.47 14.96
C PHE A 62 31.48 -14.11 14.17
N THR A 63 31.99 -13.40 13.15
CA THR A 63 33.06 -13.86 12.26
C THR A 63 34.40 -14.09 12.99
N LYS A 64 34.80 -13.15 13.86
CA LYS A 64 36.05 -13.26 14.63
C LYS A 64 36.07 -14.50 15.52
N LYS A 65 34.90 -15.00 15.88
CA LYS A 65 34.70 -16.19 16.69
C LYS A 65 34.70 -17.48 15.88
N LEU A 66 34.64 -17.43 14.54
CA LEU A 66 34.61 -18.64 13.73
C LEU A 66 35.96 -19.37 13.86
N PRO A 67 36.00 -20.68 14.21
CA PRO A 67 37.31 -21.34 14.38
C PRO A 67 38.24 -21.13 13.20
N GLY A 68 39.41 -20.60 13.52
CA GLY A 68 40.46 -20.37 12.55
C GLY A 68 40.48 -19.05 11.82
N PHE A 69 39.38 -18.27 11.86
CA PHE A 69 39.30 -16.99 11.14
C PHE A 69 40.44 -16.02 11.48
N GLN A 70 40.84 -15.94 12.75
CA GLN A 70 41.92 -15.03 13.13
C GLN A 70 43.30 -15.43 12.65
N THR A 71 43.50 -16.71 12.26
CA THR A 71 44.78 -17.22 11.74
C THR A 71 44.95 -16.90 10.25
N LEU A 72 43.85 -16.50 9.58
CA LEU A 72 43.86 -16.14 8.17
C LEU A 72 44.65 -14.87 7.98
N ASP A 73 45.19 -14.66 6.78
CA ASP A 73 45.89 -13.44 6.43
C ASP A 73 44.91 -12.30 6.68
N HIS A 74 45.38 -11.17 7.27
CA HIS A 74 44.55 -9.99 7.59
C HIS A 74 43.78 -9.42 6.44
N GLU A 75 44.41 -9.34 5.27
CA GLU A 75 43.77 -8.80 4.06
C GLU A 75 42.68 -9.74 3.56
N ASP A 76 42.87 -11.07 3.76
CA ASP A 76 41.89 -12.08 3.39
C ASP A 76 40.71 -12.00 4.34
N GLN A 77 40.97 -11.65 5.61
CA GLN A 77 39.96 -11.47 6.67
C GLN A 77 38.99 -10.36 6.30
N ILE A 78 39.50 -9.21 5.81
CA ILE A 78 38.69 -8.08 5.34
C ILE A 78 37.90 -8.48 4.07
N ALA A 79 38.57 -9.17 3.12
CA ALA A 79 37.93 -9.60 1.87
C ALA A 79 36.73 -10.57 2.11
N LEU A 80 36.86 -11.48 3.09
CA LEU A 80 35.77 -12.38 3.46
C LEU A 80 34.58 -11.62 4.06
N LEU A 81 34.88 -10.70 4.98
CA LEU A 81 33.89 -9.89 5.66
C LEU A 81 33.18 -8.94 4.70
N LYS A 82 33.95 -8.23 3.88
CA LYS A 82 33.40 -7.32 2.90
C LYS A 82 32.56 -8.07 1.85
N GLY A 83 33.03 -9.25 1.44
CA GLY A 83 32.34 -10.05 0.43
C GLY A 83 31.04 -10.70 0.89
N SER A 84 30.85 -10.86 2.20
CA SER A 84 29.67 -11.57 2.74
C SER A 84 28.67 -10.75 3.45
N ALA A 85 29.09 -9.56 3.92
CA ALA A 85 28.24 -8.74 4.80
C ALA A 85 26.82 -8.47 4.35
N VAL A 86 26.63 -8.18 3.07
CA VAL A 86 25.32 -7.86 2.47
C VAL A 86 24.51 -9.14 2.33
N GLU A 87 25.14 -10.24 1.86
CA GLU A 87 24.45 -11.55 1.74
C GLU A 87 23.98 -11.99 3.11
N ALA A 88 24.85 -11.84 4.15
CA ALA A 88 24.47 -12.25 5.53
C ALA A 88 23.28 -11.42 6.02
N MET A 89 23.23 -10.16 5.62
CA MET A 89 22.08 -9.28 5.98
C MET A 89 20.74 -9.77 5.40
N PHE A 90 20.72 -10.16 4.11
CA PHE A 90 19.53 -10.69 3.45
C PHE A 90 19.17 -12.02 4.00
N LEU A 91 20.17 -12.86 4.35
CA LEU A 91 19.88 -14.19 4.88
C LEU A 91 19.19 -14.09 6.25
N ARG A 92 19.69 -13.18 7.09
CA ARG A 92 19.10 -12.88 8.39
C ARG A 92 17.69 -12.23 8.19
N SER A 93 17.53 -11.36 7.18
CA SER A 93 16.21 -10.75 6.88
C SER A 93 15.21 -11.86 6.43
N ALA A 94 15.69 -12.83 5.62
CA ALA A 94 14.89 -13.98 5.17
C ALA A 94 14.46 -14.83 6.36
N GLU A 95 15.38 -15.09 7.32
CA GLU A 95 15.09 -15.85 8.55
C GLU A 95 13.97 -15.15 9.34
N ILE A 96 14.14 -13.85 9.62
CA ILE A 96 13.15 -13.07 10.35
C ILE A 96 11.81 -13.05 9.64
N PHE A 97 11.80 -12.92 8.32
CA PHE A 97 10.60 -12.91 7.50
C PHE A 97 9.78 -14.21 7.61
N ASN A 98 10.48 -15.36 7.65
CA ASN A 98 9.79 -16.65 7.69
C ASN A 98 9.55 -17.20 9.09
N LYS A 99 9.79 -16.39 10.15
CA LYS A 99 9.47 -16.80 11.51
C LYS A 99 7.94 -16.76 11.63
N LYS A 100 7.34 -17.79 12.26
CA LYS A 100 5.89 -17.92 12.42
C LYS A 100 5.35 -16.81 13.30
N LEU A 101 4.36 -16.12 12.80
CA LEU A 101 3.72 -15.04 13.51
C LEU A 101 2.21 -15.30 13.68
N PRO A 102 1.50 -14.55 14.58
CA PRO A 102 0.03 -14.71 14.68
C PRO A 102 -0.67 -14.53 13.31
N SER A 103 -1.92 -15.01 13.16
CA SER A 103 -2.75 -14.93 11.93
C SER A 103 -2.66 -13.57 11.26
N GLY A 104 -2.42 -13.60 9.95
CA GLY A 104 -2.34 -12.42 9.10
C GLY A 104 -1.23 -11.42 9.39
N HIS A 105 -0.31 -11.75 10.33
CA HIS A 105 0.81 -10.86 10.69
C HIS A 105 1.90 -10.83 9.63
N SER A 106 2.23 -11.99 9.04
CA SER A 106 3.24 -12.08 8.00
C SER A 106 2.77 -11.41 6.73
N ASP A 107 1.43 -11.34 6.52
CA ASP A 107 0.78 -10.64 5.43
C ASP A 107 1.00 -9.16 5.62
N LEU A 108 0.77 -8.69 6.87
CA LEU A 108 0.99 -7.30 7.26
C LEU A 108 2.47 -6.95 7.21
N LEU A 109 3.33 -7.81 7.74
CA LEU A 109 4.78 -7.60 7.69
C LEU A 109 5.21 -7.49 6.24
N GLU A 110 4.68 -8.36 5.39
CA GLU A 110 4.99 -8.35 3.98
C GLU A 110 4.49 -7.07 3.28
N ALA A 111 3.28 -6.57 3.62
CA ALA A 111 2.69 -5.35 3.04
C ALA A 111 3.49 -4.16 3.52
N ARG A 112 3.90 -4.18 4.80
CA ARG A 112 4.75 -3.11 5.36
C ARG A 112 6.09 -3.00 4.64
N ILE A 113 6.80 -4.14 4.43
CA ILE A 113 8.11 -4.13 3.75
C ILE A 113 7.96 -3.67 2.27
N ARG A 114 6.90 -4.14 1.60
CA ARG A 114 6.56 -3.82 0.21
C ARG A 114 6.41 -2.30 0.02
N ASN A 115 5.74 -1.63 0.98
CA ASN A 115 5.51 -0.17 0.99
C ASN A 115 6.46 0.59 1.92
N SER A 116 7.66 0.05 2.14
CA SER A 116 8.64 0.71 3.03
C SER A 116 9.41 1.85 2.35
N GLY A 117 9.37 1.90 1.02
CA GLY A 117 10.12 2.90 0.27
C GLY A 117 11.06 2.26 -0.75
N ILE A 118 11.34 0.97 -0.61
CA ILE A 118 12.18 0.22 -1.55
C ILE A 118 11.56 0.31 -2.97
N SER A 119 12.40 0.40 -4.03
CA SER A 119 11.98 0.47 -5.42
C SER A 119 11.37 -0.83 -5.88
N ASP A 120 10.40 -0.73 -6.80
CA ASP A 120 9.64 -1.84 -7.39
C ASP A 120 10.45 -2.95 -8.05
N GLU A 121 11.55 -2.57 -8.72
CA GLU A 121 12.45 -3.49 -9.41
C GLU A 121 13.11 -4.53 -8.44
N TYR A 122 13.18 -4.22 -7.14
CA TYR A 122 13.81 -5.06 -6.14
C TYR A 122 12.89 -5.85 -5.25
N ILE A 123 11.58 -5.59 -5.34
CA ILE A 123 10.54 -6.22 -4.53
C ILE A 123 10.40 -7.71 -4.79
N THR A 124 10.08 -8.06 -6.04
CA THR A 124 9.87 -9.43 -6.49
C THR A 124 11.11 -10.29 -6.22
N PRO A 125 12.33 -9.91 -6.72
CA PRO A 125 13.52 -10.74 -6.46
C PRO A 125 13.71 -11.01 -4.96
N MET A 126 13.53 -9.95 -4.14
CA MET A 126 13.65 -10.04 -2.68
C MET A 126 12.63 -10.97 -2.06
N PHE A 127 11.33 -10.78 -2.36
CA PHE A 127 10.29 -11.67 -1.84
C PHE A 127 10.36 -13.05 -2.45
N SER A 128 10.85 -13.17 -3.70
CA SER A 128 11.06 -14.47 -4.38
C SER A 128 12.17 -15.21 -3.59
N PHE A 129 13.23 -14.49 -3.22
CA PHE A 129 14.29 -15.10 -2.41
C PHE A 129 13.81 -15.45 -1.02
N TYR A 130 13.13 -14.51 -0.29
CA TYR A 130 12.65 -14.81 1.07
C TYR A 130 11.71 -16.01 1.04
N LYS A 131 10.88 -16.11 -0.02
CA LYS A 131 9.93 -17.23 -0.22
C LYS A 131 10.69 -18.53 -0.48
N SER A 132 11.68 -18.51 -1.40
CA SER A 132 12.51 -19.68 -1.69
C SER A 132 13.12 -20.22 -0.43
N ILE A 133 13.57 -19.31 0.48
CA ILE A 133 14.10 -19.62 1.81
C ILE A 133 13.07 -20.27 2.71
N GLY A 134 11.88 -19.68 2.81
CA GLY A 134 10.81 -20.21 3.64
C GLY A 134 10.32 -21.60 3.24
N GLU A 135 10.51 -21.98 1.96
CA GLU A 135 10.10 -23.28 1.39
C GLU A 135 10.90 -24.42 1.99
N LEU A 136 12.19 -24.18 2.29
CA LEU A 136 13.10 -25.18 2.87
C LEU A 136 12.85 -25.42 4.35
N LYS A 137 12.01 -24.59 5.00
CA LYS A 137 11.68 -24.67 6.44
C LYS A 137 12.90 -24.98 7.31
N MET A 138 13.87 -24.06 7.28
CA MET A 138 15.16 -24.19 7.97
C MET A 138 15.08 -24.06 9.44
N THR A 139 16.00 -24.75 10.16
CA THR A 139 16.07 -24.63 11.61
C THR A 139 17.03 -23.51 11.94
N GLN A 140 17.07 -23.09 13.23
CA GLN A 140 18.00 -22.06 13.74
C GLN A 140 19.48 -22.47 13.59
N GLU A 141 19.76 -23.78 13.71
CA GLU A 141 21.09 -24.36 13.54
C GLU A 141 21.47 -24.26 12.06
N GLU A 142 20.49 -24.40 11.15
CA GLU A 142 20.73 -24.33 9.71
C GLU A 142 21.03 -22.91 9.31
N TYR A 143 20.27 -21.93 9.83
CA TYR A 143 20.54 -20.50 9.60
C TYR A 143 21.92 -20.13 10.08
N ALA A 144 22.33 -20.60 11.28
CA ALA A 144 23.62 -20.29 11.92
C ALA A 144 24.77 -20.84 11.11
N LEU A 145 24.72 -22.14 10.80
CA LEU A 145 25.73 -22.78 9.95
C LEU A 145 25.82 -22.16 8.54
N LEU A 146 24.69 -21.90 7.90
CA LEU A 146 24.67 -21.29 6.55
C LEU A 146 25.29 -19.89 6.56
N THR A 147 25.05 -19.10 7.62
CA THR A 147 25.70 -17.78 7.77
C THR A 147 27.20 -17.95 7.85
N ALA A 148 27.69 -18.88 8.67
CA ALA A 148 29.14 -19.13 8.78
C ALA A 148 29.75 -19.62 7.46
N ILE A 149 29.02 -20.46 6.71
CA ILE A 149 29.45 -20.99 5.41
C ILE A 149 29.52 -19.87 4.38
N VAL A 150 28.58 -18.91 4.43
CA VAL A 150 28.51 -17.74 3.55
C VAL A 150 29.74 -16.85 3.79
N ILE A 151 30.06 -16.60 5.07
CA ILE A 151 31.21 -15.81 5.48
C ILE A 151 32.54 -16.45 5.01
N LEU A 152 32.71 -17.74 5.28
CA LEU A 152 33.93 -18.45 4.92
C LEU A 152 33.92 -19.01 3.48
N SER A 153 33.39 -18.25 2.52
CA SER A 153 33.33 -18.69 1.13
C SER A 153 34.71 -18.47 0.52
N PRO A 154 35.43 -19.55 0.14
CA PRO A 154 36.79 -19.36 -0.39
C PRO A 154 36.81 -18.85 -1.82
N ASP A 155 35.67 -18.92 -2.50
CA ASP A 155 35.57 -18.50 -3.88
C ASP A 155 35.00 -17.08 -3.98
N ARG A 156 35.57 -16.17 -3.18
CA ARG A 156 35.20 -14.76 -3.21
C ARG A 156 36.23 -14.08 -4.13
N GLN A 157 36.09 -12.77 -4.29
CA GLN A 157 37.03 -11.99 -5.06
C GLN A 157 37.99 -11.36 -4.09
N TYR A 158 39.28 -11.25 -4.47
CA TYR A 158 40.35 -10.64 -3.69
C TYR A 158 40.94 -11.59 -2.65
N ILE A 159 40.43 -12.84 -2.61
CA ILE A 159 40.98 -13.84 -1.71
C ILE A 159 42.26 -14.31 -2.36
N LYS A 160 43.37 -14.28 -1.59
CA LYS A 160 44.69 -14.67 -2.04
C LYS A 160 44.92 -16.15 -1.73
N ASP A 161 44.76 -16.55 -0.46
CA ASP A 161 44.93 -17.93 -0.05
C ASP A 161 43.56 -18.63 0.17
N ARG A 162 43.03 -19.20 -0.91
CA ARG A 162 41.76 -19.89 -0.97
C ARG A 162 41.74 -21.20 -0.24
N GLU A 163 42.82 -21.98 -0.33
CA GLU A 163 42.88 -23.27 0.36
C GLU A 163 42.78 -23.13 1.89
N ALA A 164 43.31 -22.01 2.46
CA ALA A 164 43.20 -21.76 3.90
C ALA A 164 41.71 -21.57 4.31
N VAL A 165 40.93 -20.88 3.49
CA VAL A 165 39.51 -20.57 3.69
C VAL A 165 38.71 -21.88 3.57
N GLU A 166 38.99 -22.70 2.50
CA GLU A 166 38.40 -24.00 2.25
C GLU A 166 38.51 -24.87 3.48
N LYS A 167 39.71 -24.96 4.08
CA LYS A 167 39.96 -25.73 5.30
C LYS A 167 39.04 -25.35 6.45
N LEU A 168 38.67 -24.06 6.56
CA LEU A 168 37.79 -23.60 7.65
C LEU A 168 36.28 -23.83 7.34
N GLN A 169 35.93 -23.74 6.04
CA GLN A 169 34.55 -23.90 5.59
C GLN A 169 34.10 -25.35 5.58
N GLU A 170 35.00 -26.28 5.17
CA GLU A 170 34.73 -27.74 5.10
C GLU A 170 34.11 -28.34 6.36
N PRO A 171 34.65 -28.15 7.60
CA PRO A 171 33.98 -28.72 8.78
C PRO A 171 32.55 -28.20 9.02
N LEU A 172 32.27 -26.98 8.58
CA LEU A 172 30.94 -26.40 8.73
C LEU A 172 29.96 -27.03 7.73
N LEU A 173 30.41 -27.21 6.47
CA LEU A 173 29.64 -27.94 5.44
C LEU A 173 29.32 -29.35 5.89
N ASP A 174 30.32 -30.06 6.47
CA ASP A 174 30.15 -31.44 6.98
C ASP A 174 29.11 -31.55 8.12
N VAL A 175 29.15 -30.64 9.08
CA VAL A 175 28.14 -30.61 10.18
C VAL A 175 26.78 -30.28 9.58
N LEU A 176 26.74 -29.29 8.69
CA LEU A 176 25.46 -28.92 8.10
C LEU A 176 24.86 -30.11 7.34
N GLN A 177 25.67 -30.78 6.51
CA GLN A 177 25.20 -31.94 5.74
C GLN A 177 24.55 -33.00 6.61
N LYS A 178 25.18 -33.34 7.75
CA LYS A 178 24.67 -34.33 8.71
C LYS A 178 23.34 -33.90 9.30
N LEU A 179 23.21 -32.61 9.72
CA LEU A 179 21.96 -32.06 10.22
C LEU A 179 20.84 -32.21 9.19
N CYS A 180 21.14 -31.90 7.91
CA CYS A 180 20.19 -32.02 6.80
C CYS A 180 19.70 -33.44 6.60
N LYS A 181 20.62 -34.43 6.71
CA LYS A 181 20.32 -35.85 6.55
C LYS A 181 19.63 -36.44 7.80
N ILE A 182 19.16 -35.56 8.69
CA ILE A 182 18.48 -35.91 9.93
C ILE A 182 17.17 -35.15 10.02
N HIS A 183 17.23 -33.80 9.91
CA HIS A 183 16.08 -32.90 9.96
C HIS A 183 15.12 -33.21 8.82
N GLN A 184 15.65 -33.86 7.76
CA GLN A 184 14.89 -34.20 6.56
C GLN A 184 15.30 -35.51 5.87
N PRO A 185 15.13 -36.72 6.48
CA PRO A 185 15.46 -37.96 5.73
C PRO A 185 14.65 -38.13 4.43
N GLU A 186 13.42 -37.57 4.39
CA GLU A 186 12.50 -37.58 3.24
C GLU A 186 12.91 -36.59 2.15
N ASN A 187 13.76 -35.59 2.49
CA ASN A 187 14.30 -34.65 1.52
C ASN A 187 15.81 -34.89 1.42
N PRO A 188 16.21 -35.91 0.64
CA PRO A 188 17.65 -36.19 0.48
C PRO A 188 18.35 -35.13 -0.37
N GLN A 189 17.57 -34.10 -0.74
CA GLN A 189 18.00 -32.99 -1.57
C GLN A 189 18.03 -31.70 -0.74
N HIS A 190 17.77 -31.80 0.57
CA HIS A 190 17.74 -30.66 1.50
C HIS A 190 19.09 -29.99 1.61
N PHE A 191 20.15 -30.77 1.82
CA PHE A 191 21.49 -30.19 1.90
C PHE A 191 21.80 -29.43 0.62
N ALA A 192 21.57 -30.08 -0.53
CA ALA A 192 21.81 -29.46 -1.83
C ALA A 192 20.93 -28.21 -2.09
N CYS A 193 19.63 -28.23 -1.74
CA CYS A 193 18.82 -27.00 -1.94
C CYS A 193 19.31 -25.83 -1.07
N LEU A 194 19.70 -26.08 0.21
CA LEU A 194 20.29 -25.07 1.12
C LEU A 194 21.51 -24.43 0.41
N LEU A 195 22.38 -25.28 -0.20
CA LEU A 195 23.53 -24.79 -0.96
C LEU A 195 23.11 -24.07 -2.23
N GLY A 196 21.97 -24.49 -2.79
CA GLY A 196 21.40 -23.87 -3.98
C GLY A 196 20.95 -22.46 -3.67
N ARG A 197 20.33 -22.24 -2.52
CA ARG A 197 19.91 -20.89 -2.09
C ARG A 197 21.10 -19.91 -2.02
N LEU A 198 22.28 -20.38 -1.53
CA LEU A 198 23.49 -19.57 -1.44
C LEU A 198 23.88 -18.91 -2.76
N THR A 199 23.57 -19.59 -3.88
CA THR A 199 23.81 -19.07 -5.23
C THR A 199 22.87 -17.93 -5.59
N GLU A 200 21.59 -18.05 -5.20
CA GLU A 200 20.58 -17.02 -5.47
C GLU A 200 20.86 -15.78 -4.62
N LEU A 201 21.39 -16.00 -3.42
CA LEU A 201 21.78 -14.96 -2.47
C LEU A 201 22.86 -14.08 -3.10
N ARG A 202 23.85 -14.67 -3.79
CA ARG A 202 24.91 -13.90 -4.47
C ARG A 202 24.35 -12.87 -5.48
N THR A 203 23.16 -13.14 -6.06
CA THR A 203 22.49 -12.23 -7.00
C THR A 203 22.11 -10.90 -6.35
N PHE A 204 21.82 -10.90 -5.01
CA PHE A 204 21.50 -9.70 -4.23
C PHE A 204 22.71 -8.77 -4.08
N ASN A 205 23.89 -9.28 -4.34
CA ASN A 205 25.13 -8.50 -4.33
C ASN A 205 25.17 -7.56 -5.51
N HIS A 206 24.72 -8.03 -6.68
CA HIS A 206 24.79 -7.28 -7.93
C HIS A 206 24.24 -5.87 -7.82
N HIS A 207 23.08 -5.71 -7.15
CA HIS A 207 22.42 -4.40 -7.03
C HIS A 207 22.23 -3.84 -5.62
N HIS A 208 23.00 -4.32 -4.61
CA HIS A 208 22.84 -3.84 -3.22
C HIS A 208 22.95 -2.31 -3.06
N ALA A 209 23.95 -1.69 -3.71
CA ALA A 209 24.21 -0.25 -3.68
C ALA A 209 22.96 0.49 -4.23
N GLU A 210 22.45 0.05 -5.38
CA GLU A 210 21.26 0.62 -6.02
C GLU A 210 19.99 0.43 -5.22
N MET A 211 19.90 -0.64 -4.40
CA MET A 211 18.73 -0.90 -3.58
C MET A 211 18.58 0.17 -2.51
N LEU A 212 19.72 0.65 -1.98
CA LEU A 212 19.71 1.71 -1.00
C LEU A 212 19.52 3.06 -1.70
N MET A 213 20.19 3.28 -2.85
CA MET A 213 20.14 4.55 -3.58
C MET A 213 18.80 4.92 -4.21
N SER A 214 18.05 3.90 -4.64
CA SER A 214 16.74 4.11 -5.26
C SER A 214 15.59 4.13 -4.24
N TRP A 215 15.92 4.08 -2.93
CA TRP A 215 14.86 4.15 -1.91
C TRP A 215 14.16 5.50 -2.11
N ARG A 216 12.83 5.53 -2.00
CA ARG A 216 11.99 6.71 -2.22
C ARG A 216 12.06 7.78 -1.16
N VAL A 217 13.23 8.40 -1.02
CA VAL A 217 13.47 9.49 -0.08
C VAL A 217 14.21 10.59 -0.85
N ASN A 218 14.18 11.85 -0.37
CA ASN A 218 14.84 12.97 -1.05
C ASN A 218 16.35 12.87 -0.91
N ASP A 219 16.82 12.30 0.22
CA ASP A 219 18.24 12.15 0.49
C ASP A 219 18.59 10.80 1.10
N HIS A 220 19.78 10.28 0.72
CA HIS A 220 20.30 8.98 1.13
C HIS A 220 21.56 9.14 1.96
N LYS A 221 21.38 9.41 3.25
CA LYS A 221 22.48 9.57 4.19
C LYS A 221 22.74 8.21 4.85
N PHE A 222 24.01 7.77 4.80
CA PHE A 222 24.48 6.52 5.40
C PHE A 222 25.58 6.80 6.42
N THR A 223 25.82 5.83 7.29
CA THR A 223 26.85 5.91 8.32
C THR A 223 28.21 5.58 7.68
N PRO A 224 29.35 6.10 8.20
CA PRO A 224 30.66 5.75 7.60
C PRO A 224 30.91 4.25 7.43
N LEU A 225 30.47 3.43 8.40
CA LEU A 225 30.63 1.99 8.35
C LEU A 225 29.83 1.36 7.22
N LEU A 226 28.58 1.85 6.99
CA LEU A 226 27.71 1.33 5.94
C LEU A 226 28.27 1.66 4.58
N CYS A 227 28.80 2.89 4.45
CA CYS A 227 29.44 3.35 3.22
C CYS A 227 30.54 2.42 2.84
N GLU A 228 31.28 1.94 3.84
CA GLU A 228 32.41 1.02 3.66
C GLU A 228 32.00 -0.38 3.20
N ILE A 229 30.91 -0.90 3.78
CA ILE A 229 30.36 -2.25 3.58
C ILE A 229 29.50 -2.35 2.34
N TRP A 230 28.55 -1.42 2.19
CA TRP A 230 27.68 -1.40 1.02
C TRP A 230 28.51 -0.56 0.09
N ASP A 231 28.13 -0.37 -1.11
CA ASP A 231 29.17 0.40 -1.80
C ASP A 231 28.59 1.72 -2.18
N VAL A 232 28.36 2.54 -1.13
CA VAL A 232 27.67 3.82 -1.20
C VAL A 232 28.48 4.92 -0.56
N GLN A 233 28.06 6.18 -0.78
CA GLN A 233 28.70 7.37 -0.20
C GLN A 233 27.70 8.49 0.01
N LYS B 1 42.37 2.82 5.76
CA LYS B 1 42.49 3.30 4.39
C LYS B 1 41.12 3.16 3.76
N ASP B 2 41.00 2.21 2.82
CA ASP B 2 39.78 1.88 2.09
C ASP B 2 38.73 1.25 3.00
N HIS B 3 39.15 0.32 3.86
CA HIS B 3 38.23 -0.34 4.80
C HIS B 3 38.72 -0.11 6.23
N GLN B 4 39.07 1.15 6.50
CA GLN B 4 39.57 1.65 7.76
C GLN B 4 38.75 1.19 8.95
N LEU B 5 37.43 1.39 8.89
CA LEU B 5 36.55 1.02 9.99
C LEU B 5 36.45 -0.47 10.14
N LEU B 6 36.35 -1.20 9.04
CA LEU B 6 36.27 -2.66 9.04
C LEU B 6 37.57 -3.23 9.62
N ARG B 7 38.72 -2.72 9.12
CA ARG B 7 40.04 -3.09 9.62
C ARG B 7 40.12 -2.83 11.13
N TYR B 8 39.59 -1.71 11.62
CA TYR B 8 39.57 -1.42 13.06
C TYR B 8 38.75 -2.47 13.86
N LEU B 9 37.50 -2.74 13.43
CA LEU B 9 36.64 -3.71 14.15
C LEU B 9 37.26 -5.08 14.23
N LEU B 10 38.00 -5.47 13.19
CA LEU B 10 38.69 -6.75 13.11
C LEU B 10 39.99 -6.77 13.91
N ASP B 11 40.74 -5.65 13.95
CA ASP B 11 42.04 -5.57 14.65
C ASP B 11 42.01 -5.11 16.11
N LYS B 12 40.83 -4.68 16.63
CA LYS B 12 40.70 -4.30 18.05
C LYS B 12 40.61 -5.61 18.88
N ASP B 13 40.44 -5.51 20.22
CA ASP B 13 40.30 -6.67 21.10
C ASP B 13 41.59 -7.50 21.16
N MET C 4 1.31 2.60 -6.23
CA MET C 4 2.48 3.27 -6.76
C MET C 4 2.56 4.72 -6.26
N GLU C 5 2.96 5.65 -7.13
CA GLU C 5 3.10 7.06 -6.83
C GLU C 5 2.56 7.83 -8.02
N LEU C 6 1.89 8.97 -7.77
CA LEU C 6 1.35 9.80 -8.83
C LEU C 6 2.48 10.38 -9.66
N THR C 7 2.26 10.54 -10.98
CA THR C 7 3.25 11.19 -11.82
C THR C 7 2.98 12.70 -11.71
N PRO C 8 3.95 13.59 -12.09
CA PRO C 8 3.68 15.04 -12.09
C PRO C 8 2.37 15.40 -12.82
N ASP C 9 2.10 14.83 -13.99
CA ASP C 9 0.87 15.12 -14.75
C ASP C 9 -0.40 14.66 -14.04
N GLN C 10 -0.30 13.59 -13.23
CA GLN C 10 -1.44 13.07 -12.46
C GLN C 10 -1.77 14.03 -11.32
N GLN C 11 -0.73 14.58 -10.68
CA GLN C 11 -0.84 15.59 -9.63
C GLN C 11 -1.51 16.87 -10.18
N THR C 12 -1.18 17.26 -11.43
CA THR C 12 -1.77 18.42 -12.11
C THR C 12 -3.24 18.16 -12.38
N LEU C 13 -3.57 16.92 -12.80
CA LEU C 13 -4.95 16.53 -13.06
C LEU C 13 -5.75 16.48 -11.75
N LEU C 14 -5.16 15.91 -10.70
CA LEU C 14 -5.76 15.81 -9.39
C LEU C 14 -6.18 17.18 -8.86
N HIS C 15 -5.19 18.10 -8.67
CA HIS C 15 -5.43 19.49 -8.22
C HIS C 15 -6.45 20.24 -9.09
N PHE C 16 -6.46 20.00 -10.41
CA PHE C 16 -7.41 20.66 -11.30
C PHE C 16 -8.84 20.14 -11.04
N ILE C 17 -9.00 18.82 -10.81
CA ILE C 17 -10.31 18.23 -10.53
C ILE C 17 -10.82 18.74 -9.18
N MET C 18 -9.91 18.84 -8.20
CA MET C 18 -10.19 19.37 -6.87
C MET C 18 -10.71 20.78 -6.91
N ASP C 19 -10.03 21.63 -7.70
CA ASP C 19 -10.42 23.03 -7.87
C ASP C 19 -11.83 23.15 -8.46
N SER C 20 -12.16 22.29 -9.43
CA SER C 20 -13.47 22.23 -10.05
C SER C 20 -14.52 21.70 -9.04
N TYR C 21 -14.12 20.69 -8.22
CA TYR C 21 -14.96 20.07 -7.19
C TYR C 21 -15.20 20.99 -6.00
N ASN C 22 -14.24 21.87 -5.71
CA ASN C 22 -14.36 22.79 -4.58
C ASN C 22 -15.29 24.00 -4.77
N LYS C 23 -15.87 24.16 -5.97
CA LYS C 23 -16.84 25.23 -6.27
C LYS C 23 -18.25 24.84 -5.78
N GLN C 24 -18.32 23.86 -4.88
CA GLN C 24 -19.54 23.35 -4.29
C GLN C 24 -19.91 24.12 -3.03
N ARG C 25 -21.22 24.22 -2.78
CA ARG C 25 -21.78 24.85 -1.58
C ARG C 25 -21.22 24.10 -0.37
N MET C 26 -20.78 24.85 0.67
CA MET C 26 -20.21 24.23 1.87
C MET C 26 -21.21 23.31 2.61
N PRO C 27 -20.77 22.05 2.89
CA PRO C 27 -21.64 21.09 3.60
C PRO C 27 -22.00 21.51 5.01
N GLN C 28 -21.10 22.28 5.68
CA GLN C 28 -21.34 22.79 7.03
C GLN C 28 -22.62 23.61 7.02
N GLU C 29 -22.88 24.29 5.90
CA GLU C 29 -24.05 25.11 5.63
C GLU C 29 -25.36 24.32 5.55
N ILE C 30 -25.32 23.13 4.90
CA ILE C 30 -26.49 22.25 4.73
C ILE C 30 -26.86 21.62 6.08
N THR C 31 -25.84 21.13 6.81
CA THR C 31 -25.98 20.47 8.11
C THR C 31 -26.26 21.47 9.23
N ASN C 32 -25.93 22.76 8.99
CA ASN C 32 -26.20 23.84 9.96
C ASN C 32 -27.71 24.02 10.00
N LYS C 33 -28.32 24.19 8.81
CA LYS C 33 -29.75 24.38 8.58
C LYS C 33 -30.58 23.21 9.13
N ILE C 34 -30.08 21.97 8.97
CA ILE C 34 -30.81 20.78 9.43
C ILE C 34 -30.80 20.67 10.96
N LEU C 35 -29.63 20.83 11.59
CA LEU C 35 -29.42 20.71 13.03
C LEU C 35 -29.98 21.86 13.87
N LYS C 36 -30.10 23.06 13.29
CA LYS C 36 -30.59 24.25 13.97
C LYS C 36 -32.03 24.02 14.42
N GLU C 37 -32.94 23.88 13.47
CA GLU C 37 -34.34 23.65 13.78
C GLU C 37 -34.93 22.51 12.97
N ALA C 38 -36.07 21.99 13.43
CA ALA C 38 -36.79 20.92 12.76
C ALA C 38 -37.86 21.55 11.90
N PHE C 39 -38.07 21.00 10.71
CA PHE C 39 -39.05 21.49 9.75
C PHE C 39 -40.12 20.43 9.52
N SER C 40 -41.23 20.82 8.88
CA SER C 40 -42.29 19.88 8.52
C SER C 40 -41.83 19.11 7.25
N ALA C 41 -42.62 18.15 6.77
CA ALA C 41 -42.30 17.39 5.56
C ALA C 41 -42.29 18.32 4.33
N GLU C 42 -43.30 19.24 4.24
CA GLU C 42 -43.42 20.21 3.14
C GLU C 42 -42.26 21.21 3.11
N GLU C 43 -41.72 21.58 4.29
CA GLU C 43 -40.59 22.50 4.40
C GLU C 43 -39.31 21.77 3.96
N ASN C 44 -39.22 20.47 4.25
CA ASN C 44 -38.09 19.62 3.90
C ASN C 44 -38.12 19.29 2.42
N PHE C 45 -39.32 19.07 1.85
CA PHE C 45 -39.50 18.81 0.41
C PHE C 45 -39.00 20.01 -0.40
N LEU C 46 -39.18 21.21 0.15
CA LEU C 46 -38.73 22.46 -0.44
C LEU C 46 -37.24 22.63 -0.34
N ILE C 47 -36.66 22.34 0.84
CA ILE C 47 -35.22 22.38 1.06
C ILE C 47 -34.54 21.40 0.08
N LEU C 48 -35.20 20.23 -0.16
CA LEU C 48 -34.71 19.18 -1.04
C LEU C 48 -34.73 19.61 -2.50
N THR C 49 -35.87 20.13 -3.00
CA THR C 49 -35.91 20.59 -4.41
C THR C 49 -34.94 21.79 -4.68
N GLU C 50 -34.67 22.62 -3.66
CA GLU C 50 -33.74 23.76 -3.72
C GLU C 50 -32.31 23.23 -3.82
N MET C 51 -31.94 22.38 -2.86
CA MET C 51 -30.61 21.78 -2.77
C MET C 51 -30.29 20.93 -4.00
N ALA C 52 -31.31 20.26 -4.57
CA ALA C 52 -31.19 19.39 -5.74
C ALA C 52 -31.08 20.23 -7.00
N THR C 53 -31.83 21.35 -7.09
CA THR C 53 -31.76 22.28 -8.22
C THR C 53 -30.35 22.91 -8.24
N ASN C 54 -29.86 23.41 -7.10
CA ASN C 54 -28.54 24.00 -7.05
C ASN C 54 -27.48 22.96 -7.42
N HIS C 55 -27.55 21.73 -6.81
CA HIS C 55 -26.62 20.63 -7.08
C HIS C 55 -26.50 20.33 -8.58
N VAL C 56 -27.62 20.24 -9.32
CA VAL C 56 -27.52 20.00 -10.77
C VAL C 56 -26.68 21.09 -11.46
N GLN C 57 -26.92 22.37 -11.13
CA GLN C 57 -26.22 23.49 -11.75
C GLN C 57 -24.71 23.37 -11.55
N VAL C 58 -24.29 23.08 -10.33
CA VAL C 58 -22.90 22.89 -9.95
C VAL C 58 -22.33 21.65 -10.66
N LEU C 59 -23.20 20.62 -10.85
CA LEU C 59 -22.82 19.38 -11.49
C LEU C 59 -22.44 19.57 -12.95
N VAL C 60 -23.28 20.27 -13.71
CA VAL C 60 -23.04 20.58 -15.12
C VAL C 60 -21.76 21.38 -15.26
N GLU C 61 -21.48 22.33 -14.33
CA GLU C 61 -20.22 23.11 -14.37
C GLU C 61 -19.02 22.21 -14.16
N PHE C 62 -19.07 21.33 -13.13
CA PHE C 62 -18.00 20.37 -12.84
C PHE C 62 -17.78 19.42 -14.02
N THR C 63 -18.88 18.97 -14.63
CA THR C 63 -18.87 18.03 -15.73
C THR C 63 -18.19 18.58 -16.96
N LYS C 64 -18.55 19.81 -17.39
CA LYS C 64 -17.90 20.38 -18.58
C LYS C 64 -16.40 20.64 -18.41
N LYS C 65 -15.92 20.87 -17.18
CA LYS C 65 -14.50 21.02 -16.90
C LYS C 65 -13.75 19.67 -16.91
N LEU C 66 -14.48 18.51 -16.90
CA LEU C 66 -13.84 17.18 -16.91
C LEU C 66 -13.04 17.08 -18.21
N PRO C 67 -11.75 16.69 -18.13
CA PRO C 67 -10.91 16.65 -19.35
C PRO C 67 -11.43 15.78 -20.47
N GLY C 68 -11.67 16.38 -21.62
CA GLY C 68 -12.17 15.68 -22.80
C GLY C 68 -13.68 15.68 -22.94
N PHE C 69 -14.42 15.94 -21.85
CA PHE C 69 -15.88 15.92 -21.86
C PHE C 69 -16.50 16.70 -22.99
N GLN C 70 -16.02 17.94 -23.23
CA GLN C 70 -16.60 18.77 -24.28
C GLN C 70 -16.27 18.37 -25.72
N THR C 71 -15.35 17.38 -25.89
CA THR C 71 -14.98 16.80 -27.18
C THR C 71 -15.90 15.61 -27.51
N LEU C 72 -16.98 15.41 -26.72
CA LEU C 72 -17.92 14.28 -26.90
C LEU C 72 -19.16 14.69 -27.65
N ASP C 73 -19.76 13.70 -28.32
CA ASP C 73 -21.02 13.84 -29.03
C ASP C 73 -22.04 14.52 -28.10
N HIS C 74 -22.68 15.60 -28.60
CA HIS C 74 -23.65 16.39 -27.85
C HIS C 74 -24.75 15.59 -27.18
N GLU C 75 -25.31 14.59 -27.88
CA GLU C 75 -26.37 13.75 -27.34
C GLU C 75 -25.86 12.83 -26.23
N ASP C 76 -24.59 12.42 -26.34
CA ASP C 76 -23.97 11.55 -25.35
C ASP C 76 -23.68 12.36 -24.10
N GLN C 77 -23.24 13.63 -24.28
CA GLN C 77 -22.99 14.57 -23.18
C GLN C 77 -24.24 14.69 -22.32
N ILE C 78 -25.42 14.72 -22.96
CA ILE C 78 -26.74 14.80 -22.32
C ILE C 78 -27.11 13.52 -21.60
N ALA C 79 -26.86 12.36 -22.24
CA ALA C 79 -27.19 11.08 -21.61
C ALA C 79 -26.29 10.80 -20.41
N LEU C 80 -25.05 11.35 -20.39
CA LEU C 80 -24.15 11.21 -19.26
C LEU C 80 -24.61 12.06 -18.06
N LEU C 81 -25.13 13.27 -18.32
CA LEU C 81 -25.58 14.19 -17.27
C LEU C 81 -26.86 13.69 -16.68
N LYS C 82 -27.77 13.24 -17.54
CA LYS C 82 -29.03 12.62 -17.17
C LYS C 82 -28.80 11.33 -16.38
N GLY C 83 -27.86 10.50 -16.83
CA GLY C 83 -27.54 9.23 -16.20
C GLY C 83 -26.82 9.36 -14.89
N SER C 84 -26.13 10.48 -14.65
CA SER C 84 -25.37 10.57 -13.40
C SER C 84 -25.88 11.48 -12.26
N ALA C 85 -26.76 12.45 -12.58
CA ALA C 85 -27.29 13.48 -11.67
C ALA C 85 -27.80 12.99 -10.32
N VAL C 86 -28.67 11.98 -10.31
CA VAL C 86 -29.19 11.42 -9.06
C VAL C 86 -28.10 10.70 -8.27
N GLU C 87 -27.30 9.87 -8.94
CA GLU C 87 -26.23 9.14 -8.25
C GLU C 87 -25.23 10.10 -7.65
N ALA C 88 -24.91 11.21 -8.34
CA ALA C 88 -23.97 12.24 -7.88
C ALA C 88 -24.55 13.00 -6.70
N MET C 89 -25.87 13.27 -6.68
CA MET C 89 -26.47 13.91 -5.49
C MET C 89 -26.35 13.02 -4.25
N PHE C 90 -26.66 11.72 -4.40
CA PHE C 90 -26.57 10.75 -3.30
C PHE C 90 -25.16 10.54 -2.84
N LEU C 91 -24.19 10.49 -3.80
CA LEU C 91 -22.78 10.40 -3.40
C LEU C 91 -22.38 11.67 -2.61
N ARG C 92 -22.82 12.83 -3.10
CA ARG C 92 -22.57 14.12 -2.44
C ARG C 92 -23.26 14.17 -1.04
N SER C 93 -24.49 13.64 -0.93
CA SER C 93 -25.24 13.60 0.36
C SER C 93 -24.50 12.69 1.33
N ALA C 94 -23.93 11.61 0.80
CA ALA C 94 -23.15 10.65 1.60
C ALA C 94 -21.87 11.30 2.14
N GLU C 95 -21.23 12.17 1.33
CA GLU C 95 -20.01 12.85 1.73
C GLU C 95 -20.28 13.76 2.95
N ILE C 96 -21.30 14.60 2.84
CA ILE C 96 -21.78 15.55 3.85
C ILE C 96 -22.14 14.81 5.14
N PHE C 97 -22.90 13.72 5.01
CA PHE C 97 -23.29 12.85 6.12
C PHE C 97 -22.10 12.35 6.93
N ASN C 98 -20.96 12.11 6.26
CA ASN C 98 -19.75 11.55 6.86
C ASN C 98 -18.72 12.55 7.37
N LYS C 99 -18.92 13.84 7.09
CA LYS C 99 -18.07 14.92 7.56
C LYS C 99 -18.20 14.97 9.07
N LYS C 100 -17.06 14.86 9.78
CA LYS C 100 -16.99 14.87 11.23
C LYS C 100 -17.64 16.09 11.86
N LEU C 101 -18.45 15.86 12.92
CA LEU C 101 -19.19 16.91 13.59
C LEU C 101 -19.01 16.86 15.11
N PRO C 102 -19.40 17.92 15.88
CA PRO C 102 -19.36 17.79 17.36
C PRO C 102 -20.16 16.56 17.81
N SER C 103 -19.92 16.09 19.05
CA SER C 103 -20.58 14.89 19.56
C SER C 103 -22.10 15.01 19.67
N GLY C 104 -22.79 14.00 19.16
CA GLY C 104 -24.24 13.92 19.13
C GLY C 104 -24.92 14.52 17.91
N HIS C 105 -24.26 15.52 17.27
CA HIS C 105 -24.77 16.22 16.08
C HIS C 105 -25.08 15.25 14.93
N SER C 106 -24.18 14.28 14.69
CA SER C 106 -24.36 13.28 13.63
C SER C 106 -25.56 12.36 13.89
N ASP C 107 -25.84 12.07 15.18
CA ASP C 107 -27.00 11.26 15.60
C ASP C 107 -28.26 12.08 15.40
N LEU C 108 -28.20 13.38 15.70
CA LEU C 108 -29.35 14.26 15.52
C LEU C 108 -29.64 14.51 14.04
N LEU C 109 -28.58 14.77 13.24
CA LEU C 109 -28.67 14.98 11.79
C LEU C 109 -29.40 13.81 11.17
N GLU C 110 -28.97 12.59 11.50
CA GLU C 110 -29.57 11.37 11.01
C GLU C 110 -31.06 11.27 11.39
N ALA C 111 -31.38 11.55 12.67
CA ALA C 111 -32.74 11.52 13.20
C ALA C 111 -33.64 12.52 12.47
N ARG C 112 -33.14 13.75 12.27
CA ARG C 112 -33.89 14.77 11.55
C ARG C 112 -34.20 14.33 10.10
N ILE C 113 -33.21 13.78 9.38
CA ILE C 113 -33.39 13.31 8.00
C ILE C 113 -34.40 12.16 7.93
N ARG C 114 -34.34 11.22 8.90
CA ARG C 114 -35.26 10.08 9.01
C ARG C 114 -36.72 10.52 9.10
N ASN C 115 -36.94 11.76 9.61
CA ASN C 115 -38.26 12.36 9.80
C ASN C 115 -38.57 13.48 8.81
N SER C 116 -37.74 13.62 7.77
CA SER C 116 -37.90 14.65 6.74
C SER C 116 -39.18 14.48 5.85
N GLY C 117 -39.80 13.33 5.87
CA GLY C 117 -41.01 13.08 5.08
C GLY C 117 -40.88 11.95 4.07
N ILE C 118 -39.65 11.52 3.83
CA ILE C 118 -39.34 10.40 2.93
C ILE C 118 -39.82 9.09 3.60
N SER C 119 -40.34 8.13 2.80
CA SER C 119 -40.84 6.82 3.31
C SER C 119 -39.71 6.01 3.94
N ASP C 120 -39.99 5.32 5.09
CA ASP C 120 -38.99 4.52 5.79
C ASP C 120 -38.36 3.41 4.96
N GLU C 121 -39.07 2.95 3.90
CA GLU C 121 -38.50 1.93 3.05
C GLU C 121 -37.24 2.42 2.31
N TYR C 122 -37.20 3.70 1.91
CA TYR C 122 -36.04 4.31 1.24
C TYR C 122 -35.01 4.80 2.22
N ILE C 123 -35.43 5.07 3.47
CA ILE C 123 -34.59 5.57 4.57
C ILE C 123 -33.50 4.58 4.94
N THR C 124 -33.88 3.30 5.13
CA THR C 124 -32.97 2.21 5.50
C THR C 124 -31.82 2.13 4.47
N PRO C 125 -32.10 1.77 3.19
CA PRO C 125 -31.02 1.69 2.20
C PRO C 125 -30.10 2.89 2.09
N MET C 126 -30.63 4.13 2.24
CA MET C 126 -29.84 5.36 2.15
C MET C 126 -28.79 5.43 3.22
N PHE C 127 -29.20 5.26 4.49
CA PHE C 127 -28.29 5.28 5.63
C PHE C 127 -27.30 4.13 5.58
N SER C 128 -27.74 2.98 5.04
CA SER C 128 -26.91 1.80 4.82
C SER C 128 -25.82 2.13 3.78
N PHE C 129 -26.17 2.88 2.71
CA PHE C 129 -25.18 3.30 1.73
C PHE C 129 -24.23 4.33 2.39
N TYR C 130 -24.77 5.42 2.97
CA TYR C 130 -24.00 6.48 3.63
C TYR C 130 -23.01 5.99 4.66
N LYS C 131 -23.46 5.12 5.60
CA LYS C 131 -22.62 4.63 6.70
C LYS C 131 -21.49 3.73 6.19
N SER C 132 -21.77 2.96 5.13
CA SER C 132 -20.83 2.07 4.49
C SER C 132 -19.82 2.87 3.66
N ILE C 133 -20.28 3.92 2.93
CA ILE C 133 -19.44 4.87 2.20
C ILE C 133 -18.44 5.45 3.22
N GLY C 134 -18.97 5.83 4.39
CA GLY C 134 -18.26 6.46 5.49
C GLY C 134 -17.14 5.66 6.08
N GLU C 135 -17.27 4.33 6.03
CA GLU C 135 -16.28 3.39 6.53
C GLU C 135 -15.05 3.36 5.65
N LEU C 136 -15.18 3.74 4.37
CA LEU C 136 -14.06 3.77 3.42
C LEU C 136 -13.11 4.94 3.72
N LYS C 137 -13.45 5.78 4.72
CA LYS C 137 -12.71 6.96 5.20
C LYS C 137 -12.06 7.74 4.03
N MET C 138 -12.83 7.90 2.94
CA MET C 138 -12.38 8.58 1.74
C MET C 138 -12.01 10.01 2.04
N THR C 139 -10.98 10.48 1.35
CA THR C 139 -10.48 11.85 1.44
C THR C 139 -11.34 12.66 0.48
N GLN C 140 -11.18 14.00 0.48
CA GLN C 140 -11.92 14.86 -0.42
C GLN C 140 -11.62 14.57 -1.90
N GLU C 141 -10.33 14.30 -2.20
CA GLU C 141 -9.83 13.98 -3.55
C GLU C 141 -10.51 12.74 -4.10
N GLU C 142 -10.76 11.76 -3.23
CA GLU C 142 -11.40 10.50 -3.58
C GLU C 142 -12.86 10.66 -3.93
N TYR C 143 -13.59 11.55 -3.21
CA TYR C 143 -14.99 11.86 -3.54
C TYR C 143 -15.07 12.54 -4.89
N ALA C 144 -14.12 13.42 -5.19
CA ALA C 144 -14.07 14.19 -6.43
C ALA C 144 -13.77 13.28 -7.61
N LEU C 145 -12.78 12.37 -7.46
CA LEU C 145 -12.47 11.40 -8.51
C LEU C 145 -13.62 10.43 -8.69
N LEU C 146 -14.16 9.89 -7.58
CA LEU C 146 -15.31 8.97 -7.66
C LEU C 146 -16.49 9.64 -8.34
N THR C 147 -16.76 10.92 -8.03
CA THR C 147 -17.84 11.67 -8.69
C THR C 147 -17.54 11.76 -10.19
N ALA C 148 -16.30 12.20 -10.55
CA ALA C 148 -15.91 12.26 -11.96
C ALA C 148 -16.12 10.91 -12.67
N ILE C 149 -15.78 9.82 -11.99
CA ILE C 149 -15.91 8.44 -12.49
C ILE C 149 -17.36 8.04 -12.75
N VAL C 150 -18.27 8.41 -11.85
CA VAL C 150 -19.73 8.16 -11.97
C VAL C 150 -20.29 8.89 -13.22
N ILE C 151 -19.89 10.17 -13.41
CA ILE C 151 -20.35 10.99 -14.54
C ILE C 151 -19.89 10.40 -15.88
N LEU C 152 -18.62 10.04 -15.95
CA LEU C 152 -18.03 9.48 -17.15
C LEU C 152 -18.19 7.95 -17.20
N SER C 153 -19.44 7.43 -17.00
CA SER C 153 -19.78 6.00 -17.02
C SER C 153 -20.15 5.60 -18.43
N PRO C 154 -19.30 4.73 -19.03
CA PRO C 154 -19.51 4.31 -20.43
C PRO C 154 -20.75 3.49 -20.62
N ASP C 155 -21.21 2.92 -19.50
CA ASP C 155 -22.33 2.01 -19.35
C ASP C 155 -23.69 2.67 -19.23
N ARG C 156 -23.73 4.00 -19.31
CA ARG C 156 -24.99 4.73 -19.25
C ARG C 156 -25.85 4.33 -20.39
N GLN C 157 -27.16 4.29 -20.16
CA GLN C 157 -28.13 3.97 -21.19
C GLN C 157 -28.08 5.10 -22.22
N TYR C 158 -28.33 4.79 -23.50
CA TYR C 158 -28.36 5.73 -24.61
C TYR C 158 -27.03 6.19 -25.17
N ILE C 159 -25.91 5.82 -24.55
CA ILE C 159 -24.59 6.23 -25.04
C ILE C 159 -24.30 5.63 -26.39
N LYS C 160 -24.06 6.48 -27.38
CA LYS C 160 -23.79 6.05 -28.75
C LYS C 160 -22.35 5.67 -29.00
N ASP C 161 -21.44 6.04 -28.09
CA ASP C 161 -20.03 5.75 -28.24
C ASP C 161 -19.35 5.46 -26.91
N ARG C 162 -19.53 4.23 -26.44
CA ARG C 162 -18.99 3.76 -25.17
C ARG C 162 -17.46 3.95 -25.05
N GLU C 163 -16.72 3.61 -26.11
CA GLU C 163 -15.25 3.65 -26.18
C GLU C 163 -14.70 5.04 -25.93
N ALA C 164 -15.35 6.10 -26.47
CA ALA C 164 -14.92 7.49 -26.27
C ALA C 164 -15.05 7.90 -24.77
N VAL C 165 -16.13 7.46 -24.09
CA VAL C 165 -16.39 7.72 -22.67
C VAL C 165 -15.33 7.00 -21.83
N GLU C 166 -15.10 5.73 -22.16
CA GLU C 166 -14.12 4.86 -21.51
C GLU C 166 -12.76 5.49 -21.47
N LYS C 167 -12.30 5.99 -22.61
CA LYS C 167 -11.01 6.69 -22.75
C LYS C 167 -10.84 7.84 -21.76
N LEU C 168 -11.93 8.54 -21.46
CA LEU C 168 -11.94 9.67 -20.53
C LEU C 168 -12.00 9.26 -19.08
N GLN C 169 -12.69 8.15 -18.79
CA GLN C 169 -12.82 7.65 -17.42
C GLN C 169 -11.53 6.95 -17.00
N GLU C 170 -10.84 6.32 -17.96
CA GLU C 170 -9.61 5.58 -17.80
C GLU C 170 -8.55 6.31 -16.98
N PRO C 171 -8.12 7.55 -17.37
CA PRO C 171 -7.11 8.24 -16.54
C PRO C 171 -7.56 8.55 -15.11
N LEU C 172 -8.87 8.73 -14.92
CA LEU C 172 -9.44 9.03 -13.61
C LEU C 172 -9.45 7.84 -12.68
N LEU C 173 -9.67 6.65 -13.24
CA LEU C 173 -9.59 5.36 -12.51
C LEU C 173 -8.18 5.09 -12.07
N ASP C 174 -7.19 5.40 -12.96
CA ASP C 174 -5.76 5.26 -12.66
C ASP C 174 -5.39 6.09 -11.45
N VAL C 175 -5.81 7.38 -11.44
CA VAL C 175 -5.54 8.28 -10.33
C VAL C 175 -6.23 7.78 -9.07
N LEU C 176 -7.55 7.45 -9.17
CA LEU C 176 -8.23 6.95 -7.98
C LEU C 176 -7.52 5.74 -7.38
N GLN C 177 -7.14 4.78 -8.22
CA GLN C 177 -6.42 3.57 -7.77
C GLN C 177 -5.09 3.90 -7.07
N LYS C 178 -4.31 4.86 -7.58
CA LYS C 178 -3.04 5.24 -6.93
C LYS C 178 -3.26 5.85 -5.55
N LEU C 179 -4.30 6.68 -5.43
CA LEU C 179 -4.68 7.31 -4.17
C LEU C 179 -5.06 6.28 -3.13
N CYS C 180 -5.78 5.21 -3.55
CA CYS C 180 -6.19 4.11 -2.65
C CYS C 180 -5.00 3.36 -2.08
N LYS C 181 -4.01 3.11 -2.91
CA LYS C 181 -2.75 2.45 -2.50
C LYS C 181 -1.98 3.38 -1.58
N ILE C 182 -1.98 4.70 -1.85
CA ILE C 182 -1.28 5.69 -1.01
C ILE C 182 -1.92 5.84 0.38
N HIS C 183 -3.25 6.06 0.42
CA HIS C 183 -3.98 6.34 1.65
C HIS C 183 -4.36 5.20 2.54
N GLN C 184 -4.54 3.99 1.99
CA GLN C 184 -4.88 2.78 2.75
C GLN C 184 -4.06 1.62 2.16
N PRO C 185 -2.70 1.73 2.13
CA PRO C 185 -1.87 0.67 1.51
C PRO C 185 -1.98 -0.69 2.17
N GLU C 186 -2.45 -0.68 3.43
CA GLU C 186 -2.67 -1.87 4.25
C GLU C 186 -3.87 -2.64 3.74
N ASN C 187 -4.95 -1.91 3.35
CA ASN C 187 -6.16 -2.49 2.77
C ASN C 187 -6.07 -2.42 1.21
N PRO C 188 -5.54 -3.50 0.57
CA PRO C 188 -5.39 -3.49 -0.89
C PRO C 188 -6.69 -3.68 -1.65
N GLN C 189 -7.74 -4.07 -0.92
CA GLN C 189 -9.07 -4.25 -1.48
C GLN C 189 -9.86 -2.95 -1.42
N HIS C 190 -9.18 -1.82 -1.08
CA HIS C 190 -9.84 -0.53 -0.98
C HIS C 190 -10.41 -0.06 -2.29
N PHE C 191 -9.62 -0.16 -3.36
CA PHE C 191 -10.03 0.29 -4.67
C PHE C 191 -11.28 -0.42 -5.16
N ALA C 192 -11.31 -1.77 -5.10
CA ALA C 192 -12.45 -2.55 -5.53
C ALA C 192 -13.67 -2.27 -4.67
N CYS C 193 -13.48 -2.01 -3.37
CA CYS C 193 -14.56 -1.64 -2.48
C CYS C 193 -15.21 -0.34 -2.99
N LEU C 194 -14.39 0.65 -3.45
CA LEU C 194 -14.90 1.90 -4.01
C LEU C 194 -15.73 1.62 -5.26
N LEU C 195 -15.23 0.76 -6.13
CA LEU C 195 -15.91 0.45 -7.38
C LEU C 195 -17.25 -0.23 -7.19
N GLY C 196 -17.37 -1.04 -6.16
CA GLY C 196 -18.62 -1.72 -5.82
C GLY C 196 -19.67 -0.75 -5.33
N ARG C 197 -19.24 0.41 -4.75
CA ARG C 197 -20.09 1.50 -4.28
C ARG C 197 -20.90 2.09 -5.39
N LEU C 198 -20.30 2.17 -6.57
CA LEU C 198 -20.95 2.65 -7.76
C LEU C 198 -22.10 1.77 -8.19
N THR C 199 -21.97 0.44 -7.94
CA THR C 199 -23.03 -0.53 -8.26
C THR C 199 -24.17 -0.29 -7.28
N GLU C 200 -23.82 -0.07 -6.00
CA GLU C 200 -24.80 0.19 -4.95
C GLU C 200 -25.55 1.52 -5.21
N LEU C 201 -24.81 2.52 -5.68
CA LEU C 201 -25.32 3.85 -6.04
C LEU C 201 -26.39 3.78 -7.11
N ARG C 202 -26.23 2.88 -8.11
CA ARG C 202 -27.18 2.73 -9.21
C ARG C 202 -28.59 2.31 -8.75
N THR C 203 -28.70 1.61 -7.62
CA THR C 203 -30.01 1.18 -7.10
C THR C 203 -30.92 2.35 -6.73
N PHE C 204 -30.39 3.41 -6.06
CA PHE C 204 -31.20 4.60 -5.72
C PHE C 204 -31.71 5.29 -6.95
N ASN C 205 -30.87 5.34 -7.98
CA ASN C 205 -31.20 5.94 -9.25
C ASN C 205 -32.43 5.26 -9.80
N HIS C 206 -32.50 3.91 -9.68
CA HIS C 206 -33.64 3.13 -10.14
C HIS C 206 -34.95 3.59 -9.50
N HIS C 207 -34.98 3.77 -8.18
CA HIS C 207 -36.22 4.13 -7.49
C HIS C 207 -36.41 5.61 -7.14
N HIS C 208 -35.53 6.50 -7.65
CA HIS C 208 -35.61 7.95 -7.37
C HIS C 208 -37.01 8.60 -7.47
N ALA C 209 -37.73 8.42 -8.61
CA ALA C 209 -39.06 9.01 -8.83
C ALA C 209 -40.09 8.62 -7.76
N GLU C 210 -40.09 7.34 -7.36
CA GLU C 210 -40.97 6.83 -6.31
C GLU C 210 -40.56 7.42 -4.96
N MET C 211 -39.24 7.57 -4.74
CA MET C 211 -38.62 8.13 -3.55
C MET C 211 -39.13 9.56 -3.29
N LEU C 212 -39.28 10.35 -4.37
CA LEU C 212 -39.76 11.73 -4.29
C LEU C 212 -41.29 11.82 -4.30
N MET C 213 -41.97 10.94 -5.06
CA MET C 213 -43.43 10.94 -5.18
C MET C 213 -44.14 10.39 -3.96
N SER C 214 -43.43 9.67 -3.09
CA SER C 214 -43.98 9.10 -1.87
C SER C 214 -43.61 9.97 -0.65
N TRP C 215 -42.99 11.15 -0.89
CA TRP C 215 -42.63 12.08 0.18
C TRP C 215 -43.94 12.48 0.85
N ARG C 216 -43.95 12.53 2.19
CA ARG C 216 -45.16 12.80 2.99
C ARG C 216 -45.68 14.21 2.83
N VAL C 217 -46.14 14.52 1.61
CA VAL C 217 -46.69 15.81 1.20
C VAL C 217 -47.78 15.58 0.14
N ASN C 218 -48.77 16.48 0.11
CA ASN C 218 -49.88 16.41 -0.86
C ASN C 218 -49.42 16.92 -2.23
N ASP C 219 -48.59 17.99 -2.20
CA ASP C 219 -48.09 18.65 -3.40
C ASP C 219 -46.63 18.35 -3.68
N HIS C 220 -46.37 17.77 -4.85
CA HIS C 220 -44.99 17.47 -5.28
C HIS C 220 -44.63 18.38 -6.44
N LYS C 221 -44.21 19.61 -6.08
CA LYS C 221 -43.84 20.66 -7.02
C LYS C 221 -42.33 20.68 -7.21
N PHE C 222 -41.93 20.37 -8.44
CA PHE C 222 -40.53 20.37 -8.82
C PHE C 222 -40.30 21.59 -9.71
N THR C 223 -39.04 21.85 -10.05
CA THR C 223 -38.69 22.97 -10.93
C THR C 223 -38.64 22.41 -12.35
N PRO C 224 -38.65 23.23 -13.41
CA PRO C 224 -38.50 22.68 -14.77
C PRO C 224 -37.11 22.01 -14.97
N LEU C 225 -36.05 22.52 -14.32
CA LEU C 225 -34.70 21.93 -14.42
C LEU C 225 -34.67 20.51 -13.80
N LEU C 226 -35.33 20.36 -12.64
CA LEU C 226 -35.46 19.07 -11.96
C LEU C 226 -36.34 18.11 -12.78
N CYS C 227 -37.36 18.62 -13.51
CA CYS C 227 -38.25 17.78 -14.34
C CYS C 227 -37.51 17.13 -15.48
N GLU C 228 -36.47 17.81 -15.99
CA GLU C 228 -35.64 17.34 -17.09
C GLU C 228 -34.63 16.29 -16.62
N ILE C 229 -34.05 16.46 -15.42
CA ILE C 229 -32.99 15.62 -14.88
C ILE C 229 -33.45 14.39 -14.09
N TRP C 230 -34.61 14.52 -13.45
CA TRP C 230 -35.25 13.46 -12.70
C TRP C 230 -36.43 13.07 -13.53
N ASP C 231 -36.92 11.87 -13.38
CA ASP C 231 -38.05 11.52 -14.21
C ASP C 231 -39.35 11.86 -13.49
N VAL C 232 -39.61 13.17 -13.38
CA VAL C 232 -40.77 13.75 -12.69
C VAL C 232 -41.54 14.79 -13.52
N GLN C 233 -42.79 15.09 -13.13
CA GLN C 233 -43.63 16.07 -13.82
C GLN C 233 -43.89 17.33 -13.00
N ASP D 2 -38.04 16.53 -24.39
CA ASP D 2 -36.61 16.82 -24.52
C ASP D 2 -36.09 17.70 -23.37
N HIS D 3 -34.76 17.98 -23.37
CA HIS D 3 -34.07 18.76 -22.35
C HIS D 3 -33.56 20.09 -22.89
N GLN D 4 -34.31 21.15 -22.67
CA GLN D 4 -33.97 22.48 -23.15
C GLN D 4 -32.90 23.16 -22.26
N LEU D 5 -33.12 23.12 -20.94
CA LEU D 5 -32.27 23.77 -19.94
C LEU D 5 -30.91 23.09 -19.83
N LEU D 6 -30.89 21.75 -19.98
CA LEU D 6 -29.66 20.96 -19.93
C LEU D 6 -28.74 21.35 -21.07
N ARG D 7 -29.28 21.47 -22.30
CA ARG D 7 -28.53 21.88 -23.49
C ARG D 7 -28.01 23.28 -23.35
N TYR D 8 -28.81 24.16 -22.76
CA TYR D 8 -28.40 25.54 -22.51
C TYR D 8 -27.24 25.62 -21.48
N LEU D 9 -27.34 24.92 -20.34
CA LEU D 9 -26.29 24.90 -19.31
C LEU D 9 -24.95 24.33 -19.84
N LEU D 10 -25.05 23.36 -20.73
CA LEU D 10 -23.92 22.70 -21.32
C LEU D 10 -23.21 23.56 -22.34
N ASP D 11 -23.99 24.24 -23.18
CA ASP D 11 -23.45 25.05 -24.27
C ASP D 11 -23.01 26.46 -23.90
N LYS D 12 -23.56 27.04 -22.82
CA LYS D 12 -23.20 28.39 -22.38
C LYS D 12 -21.69 28.46 -22.06
N ASP D 13 -21.13 29.68 -22.08
CA ASP D 13 -19.72 29.99 -21.84
C ASP D 13 -18.87 29.61 -23.06
N1 OMM E . 14.39 -5.87 6.18
C2 OMM E . 14.57 -6.27 4.87
N3 OMM E . 13.92 -7.37 4.65
C4 OMM E . 13.58 -6.80 6.76
C5 OMM E . 13.28 -7.75 5.77
C6 OMM E . 15.72 -5.02 8.03
C7 OMM E . 14.93 -4.66 6.80
C8 OMM E . 13.05 -6.89 8.04
N9 OMM E . 16.45 -6.17 7.97
C10 OMM E . 12.44 -8.82 6.09
C11 OMM E . 12.23 -7.94 8.34
C12 OMM E . 17.18 -6.70 9.03
C13 OMM E . 19.39 -8.28 12.37
C14 OMM E . 15.44 -5.55 3.91
C15 OMM E . 11.94 -8.90 7.37
C16 OMM E . 18.60 -7.74 11.22
C17 OMM E . 18.40 -6.15 9.41
C18 OMM E . 19.10 -6.65 10.48
O19 OMM E . 15.68 -4.32 9.03
O20 OMM E . 20.44 -7.76 12.64
C21 OMM E . 16.67 -7.79 9.76
C22 OMM E . 17.40 -8.31 10.82
C23 OMM E . 13.77 -3.66 7.09
C24 OMM E . 14.85 -4.82 2.88
C25 OMM E . 16.82 -5.47 4.13
F26 OMM E . 11.70 -8.01 9.58
F27 OMM E . 11.14 -9.92 7.70
F28 OMM E . 18.84 -5.06 8.75
O29 OMM E . 19.01 -9.35 13.08
C30 OMM E . 17.04 -4.07 2.20
C31 OMM E . 17.61 -4.71 3.28
C32 OMM E . 15.65 -4.11 2.03
CL33 OMM E . 17.99 -3.14 1.07
C34 OMM E . 14.34 -2.27 7.42
C35 OMM E . 12.89 -3.55 5.84
C36 OMM E . 11.72 -2.59 6.13
C37 OMM E . 13.21 -1.24 7.63
C38 OMM E . 12.32 -1.20 6.37
N1 OMM F . -30.04 14.96 1.96
C2 OMM F . -30.26 13.64 1.66
N3 OMM F . -29.44 12.88 2.36
C4 OMM F . -29.02 15.02 2.88
C5 OMM F . -28.69 13.67 3.16
C6 OMM F . -29.77 17.09 0.85
C7 OMM F . -30.78 16.09 1.40
C8 OMM F . -28.40 16.07 3.55
N9 OMM F . -28.89 16.64 -0.10
C10 OMM F . -27.67 13.40 4.05
C11 OMM F . -27.41 15.78 4.47
C12 OMM F . -27.89 17.47 -0.63
C13 OMM F . -24.85 19.94 -2.32
C14 OMM F . -31.28 13.19 0.71
C15 OMM F . -27.04 14.46 4.68
C16 OMM F . -25.89 19.06 -1.75
C17 OMM F . -27.98 17.88 -1.95
C18 OMM F . -27.00 18.68 -2.51
O19 OMM F . -29.72 18.23 1.26
O20 OMM F . -25.06 20.61 -3.30
C21 OMM F . -26.81 17.86 0.16
C22 OMM F . -25.84 18.66 -0.41
C23 OMM F . -31.66 16.71 2.50
C24 OMM F . -32.34 12.40 1.15
C25 OMM F . -31.21 13.57 -0.63
F26 OMM F . -26.79 16.76 5.19
F27 OMM F . -26.11 14.22 5.61
F28 OMM F . -29.05 17.51 -2.67
O29 OMM F . -23.63 20.01 -1.75
C30 OMM F . -33.24 12.38 -1.08
C31 OMM F . -32.18 13.17 -1.52
C32 OMM F . -33.32 11.97 0.24
CL33 OMM F . -34.42 11.85 -2.21
C34 OMM F . -32.77 17.55 1.85
C35 OMM F . -32.27 15.59 3.37
C36 OMM F . -33.21 16.18 4.43
C37 OMM F . -33.66 18.13 2.95
C38 OMM F . -34.30 16.98 3.73
#